data_3K05
#
_entry.id   3K05
#
_cell.length_a   55.642
_cell.length_b   74.580
_cell.length_c   103.408
_cell.angle_alpha   90.00
_cell.angle_beta   90.00
_cell.angle_gamma   90.00
#
_symmetry.space_group_name_H-M   'P 21 21 21'
#
loop_
_entity.id
_entity.type
_entity.pdbx_description
1 polymer 'Mediator of DNA damage checkpoint protein 1'
2 polymer 'phospho peptide'
3 non-polymer GLYCEROL
4 water water
#
loop_
_entity_poly.entity_id
_entity_poly.type
_entity_poly.pdbx_seq_one_letter_code
_entity_poly.pdbx_strand_id
1 'polypeptide(L)'
;GTAPKVLFTGVVDARGERAVLALGGSLAGSAAEASHLVTDRIRRTVKFLCALGRGIPILSLDWLHQSRKAGFFLPPDEYV
VTDPEQEKNFGFSLQDALSRARERRLLEGYEIYVTPGVQPPPPQMGEIISCCGGTYLPSMPRSYKPQRVVITCPQDFPHC
SIPLRVGLPLLSPEFLLDGVLKQEAKPEAFVLSPLEMSST
;
A,B
2 'polypeptide(L)' (SEP)QEY(NH2) C,D
#
# COMPACT_ATOMS: atom_id res chain seq x y z
N THR A 2 -7.11 -22.41 -20.14
CA THR A 2 -7.22 -23.37 -19.01
C THR A 2 -7.70 -22.69 -17.73
N ALA A 3 -7.52 -23.36 -16.59
CA ALA A 3 -7.98 -22.85 -15.29
C ALA A 3 -7.21 -21.59 -14.93
N PRO A 4 -7.89 -20.63 -14.30
CA PRO A 4 -7.23 -19.37 -13.96
C PRO A 4 -5.97 -19.54 -13.11
N LYS A 5 -4.99 -18.69 -13.41
CA LYS A 5 -3.77 -18.57 -12.62
C LYS A 5 -3.82 -17.15 -12.08
N VAL A 6 -4.19 -17.01 -10.80
CA VAL A 6 -4.59 -15.72 -10.27
C VAL A 6 -3.50 -15.06 -9.46
N LEU A 7 -3.18 -13.82 -9.81
CA LEU A 7 -2.22 -13.00 -9.08
C LEU A 7 -2.99 -12.03 -8.21
N PHE A 8 -2.45 -11.69 -7.04
CA PHE A 8 -3.08 -10.72 -6.14
C PHE A 8 -2.12 -9.56 -5.96
N THR A 9 -2.64 -8.37 -5.76
CA THR A 9 -1.79 -7.25 -5.39
C THR A 9 -2.50 -6.35 -4.39
N GLY A 10 -1.76 -5.90 -3.39
CA GLY A 10 -2.30 -4.96 -2.42
C GLY A 10 -3.24 -5.53 -1.40
N VAL A 11 -3.46 -6.84 -1.45
CA VAL A 11 -4.44 -7.43 -0.56
C VAL A 11 -3.92 -8.67 0.14
N VAL A 12 -4.49 -8.91 1.32
CA VAL A 12 -4.33 -10.15 2.04
C VAL A 12 -5.70 -10.80 2.00
N ASP A 13 -5.82 -11.90 1.27
CA ASP A 13 -7.14 -12.48 0.98
C ASP A 13 -7.08 -14.00 1.01
N ALA A 14 -6.91 -14.58 2.19
CA ALA A 14 -6.81 -16.03 2.31
C ALA A 14 -8.07 -16.70 1.76
N ARG A 15 -9.22 -16.12 2.04
CA ARG A 15 -10.50 -16.60 1.50
C ARG A 15 -10.47 -16.65 -0.02
N GLY A 16 -9.99 -15.58 -0.61
CA GLY A 16 -9.83 -15.49 -2.06
C GLY A 16 -8.90 -16.57 -2.60
N GLU A 17 -7.75 -16.74 -1.95
CA GLU A 17 -6.82 -17.79 -2.36
C GLU A 17 -7.49 -19.15 -2.24
N ARG A 18 -8.20 -19.38 -1.14
CA ARG A 18 -8.89 -20.65 -0.95
C ARG A 18 -9.93 -20.89 -2.04
N ALA A 19 -10.61 -19.82 -2.47
CA ALA A 19 -11.60 -19.89 -3.54
C ALA A 19 -10.94 -20.26 -4.85
N VAL A 20 -9.83 -19.60 -5.17
CA VAL A 20 -9.09 -19.95 -6.37
C VAL A 20 -8.80 -21.44 -6.37
N LEU A 21 -8.24 -21.91 -5.26
CA LEU A 21 -7.86 -23.31 -5.12
C LEU A 21 -9.05 -24.27 -5.20
N ALA A 22 -10.10 -23.94 -4.46
CA ALA A 22 -11.28 -24.78 -4.36
C ALA A 22 -12.00 -24.91 -5.72
N LEU A 23 -11.87 -23.89 -6.55
CA LEU A 23 -12.56 -23.90 -7.85
C LEU A 23 -11.70 -24.45 -8.98
N GLY A 24 -10.51 -24.94 -8.64
CA GLY A 24 -9.66 -25.63 -9.61
C GLY A 24 -8.60 -24.77 -10.26
N GLY A 25 -8.45 -23.53 -9.80
CA GLY A 25 -7.41 -22.65 -10.33
C GLY A 25 -6.13 -22.78 -9.54
N SER A 26 -5.17 -21.91 -9.85
CA SER A 26 -3.92 -21.89 -9.09
C SER A 26 -3.48 -20.47 -8.84
N LEU A 27 -2.52 -20.33 -7.94
CA LEU A 27 -1.93 -19.03 -7.66
C LEU A 27 -0.80 -18.72 -8.63
N ALA A 28 -0.87 -17.59 -9.31
CA ALA A 28 0.20 -17.20 -10.22
C ALA A 28 1.43 -16.78 -9.46
N GLY A 29 2.60 -17.19 -9.94
CA GLY A 29 3.86 -16.80 -9.29
C GLY A 29 4.36 -15.44 -9.74
N SER A 30 3.77 -14.88 -10.79
CA SER A 30 4.28 -13.64 -11.40
C SER A 30 3.23 -13.10 -12.34
N ALA A 31 3.39 -11.84 -12.72
CA ALA A 31 2.52 -11.27 -13.73
C ALA A 31 2.65 -12.02 -15.06
N ALA A 32 3.87 -12.43 -15.42
CA ALA A 32 4.07 -13.16 -16.67
C ALA A 32 3.22 -14.42 -16.77
N GLU A 33 2.98 -15.05 -15.62
CA GLU A 33 2.28 -16.31 -15.56
C GLU A 33 0.79 -16.18 -15.31
N ALA A 34 0.33 -14.98 -14.98
CA ALA A 34 -1.06 -14.79 -14.54
C ALA A 34 -2.07 -14.69 -15.67
N SER A 35 -3.26 -15.24 -15.44
CA SER A 35 -4.39 -14.98 -16.33
C SER A 35 -5.29 -13.87 -15.81
N HIS A 36 -5.22 -13.60 -14.52
CA HIS A 36 -6.08 -12.62 -13.86
C HIS A 36 -5.31 -11.96 -12.74
N LEU A 37 -5.61 -10.69 -12.49
CA LEU A 37 -5.15 -9.98 -11.29
C LEU A 37 -6.34 -9.62 -10.43
N VAL A 38 -6.25 -9.91 -9.13
CA VAL A 38 -7.29 -9.54 -8.18
C VAL A 38 -6.75 -8.51 -7.20
N THR A 39 -7.53 -7.48 -6.99
CA THR A 39 -7.21 -6.45 -6.02
C THR A 39 -8.48 -5.76 -5.57
N ASP A 40 -8.38 -4.78 -4.67
CA ASP A 40 -9.57 -4.14 -4.12
C ASP A 40 -9.87 -2.77 -4.75
N ARG A 41 -8.88 -2.16 -5.39
CA ARG A 41 -9.04 -0.84 -5.98
C ARG A 41 -7.86 -0.57 -6.90
N ILE A 42 -7.80 0.61 -7.51
CA ILE A 42 -6.63 0.92 -8.34
C ILE A 42 -5.44 1.21 -7.42
N ARG A 43 -4.40 0.41 -7.54
CA ARG A 43 -3.18 0.55 -6.73
C ARG A 43 -2.03 0.44 -7.70
N ARG A 44 -1.19 1.47 -7.76
CA ARG A 44 -0.07 1.48 -8.69
C ARG A 44 1.13 0.72 -8.12
N THR A 45 0.90 -0.57 -7.92
CA THR A 45 1.99 -1.48 -7.60
C THR A 45 2.64 -1.95 -8.89
N VAL A 46 3.82 -2.54 -8.76
CA VAL A 46 4.48 -3.14 -9.92
C VAL A 46 3.56 -4.21 -10.54
N LYS A 47 2.95 -5.06 -9.71
CA LYS A 47 2.06 -6.09 -10.24
C LYS A 47 0.89 -5.51 -11.02
N PHE A 48 0.30 -4.45 -10.48
CA PHE A 48 -0.84 -3.85 -11.15
C PHE A 48 -0.44 -3.33 -12.54
N LEU A 49 0.68 -2.59 -12.61
CA LEU A 49 1.11 -2.03 -13.89
C LEU A 49 1.48 -3.14 -14.87
N CYS A 50 2.08 -4.22 -14.36
CA CYS A 50 2.44 -5.34 -15.23
C CYS A 50 1.18 -6.04 -15.79
N ALA A 51 0.21 -6.29 -14.92
CA ALA A 51 -1.04 -6.93 -15.36
C ALA A 51 -1.74 -6.06 -16.41
N LEU A 52 -1.80 -4.76 -16.14
CA LEU A 52 -2.43 -3.81 -17.02
C LEU A 52 -1.69 -3.81 -18.38
N GLY A 53 -0.37 -3.76 -18.33
CA GLY A 53 0.42 -3.80 -19.56
C GLY A 53 0.17 -5.04 -20.40
N ARG A 54 -0.06 -6.17 -19.73
CA ARG A 54 -0.38 -7.42 -20.43
C ARG A 54 -1.84 -7.50 -20.88
N GLY A 55 -2.70 -6.61 -20.37
CA GLY A 55 -4.11 -6.65 -20.75
C GLY A 55 -4.94 -7.71 -20.04
N ILE A 56 -4.42 -8.32 -18.98
CA ILE A 56 -5.23 -9.34 -18.31
C ILE A 56 -6.34 -8.69 -17.46
N PRO A 57 -7.43 -9.42 -17.22
CA PRO A 57 -8.49 -8.83 -16.42
C PRO A 57 -7.98 -8.44 -15.03
N ILE A 58 -8.42 -7.27 -14.57
CA ILE A 58 -8.11 -6.75 -13.23
C ILE A 58 -9.44 -6.65 -12.49
N LEU A 59 -9.60 -7.57 -11.55
CA LEU A 59 -10.91 -7.85 -10.98
C LEU A 59 -10.92 -7.66 -9.46
N SER A 60 -12.10 -7.38 -8.93
CA SER A 60 -12.26 -7.17 -7.49
C SER A 60 -12.27 -8.49 -6.72
N LEU A 61 -12.15 -8.39 -5.40
CA LEU A 61 -12.20 -9.58 -4.57
C LEU A 61 -13.56 -10.27 -4.67
N ASP A 62 -14.58 -9.51 -5.04
CA ASP A 62 -15.92 -10.10 -5.14
C ASP A 62 -16.00 -11.16 -6.24
N TRP A 63 -15.15 -11.09 -7.25
CA TRP A 63 -15.15 -12.10 -8.30
C TRP A 63 -14.99 -13.48 -7.68
N LEU A 64 -13.98 -13.63 -6.83
CA LEU A 64 -13.71 -14.93 -6.21
C LEU A 64 -14.74 -15.33 -5.20
N HIS A 65 -15.22 -14.38 -4.42
CA HIS A 65 -16.18 -14.72 -3.39
C HIS A 65 -17.50 -15.16 -4.04
N GLN A 66 -17.91 -14.46 -5.08
CA GLN A 66 -19.16 -14.82 -5.76
C GLN A 66 -18.98 -16.09 -6.58
N SER A 67 -17.78 -16.30 -7.12
CA SER A 67 -17.50 -17.56 -7.82
C SER A 67 -17.58 -18.75 -6.88
N ARG A 68 -17.00 -18.63 -5.69
CA ARG A 68 -17.07 -19.71 -4.73
C ARG A 68 -18.53 -20.03 -4.40
N LYS A 69 -19.36 -19.00 -4.20
CA LYS A 69 -20.78 -19.19 -3.90
C LYS A 69 -21.50 -19.90 -5.05
N ALA A 70 -21.17 -19.51 -6.28
CA ALA A 70 -21.79 -20.10 -7.46
C ALA A 70 -21.33 -21.54 -7.67
N GLY A 71 -20.12 -21.86 -7.20
CA GLY A 71 -19.51 -23.16 -7.41
C GLY A 71 -18.63 -23.28 -8.64
N PHE A 72 -18.35 -22.15 -9.31
CA PHE A 72 -17.51 -22.14 -10.49
C PHE A 72 -17.02 -20.72 -10.76
N PHE A 73 -15.90 -20.59 -11.48
CA PHE A 73 -15.43 -19.26 -11.84
C PHE A 73 -16.45 -18.55 -12.72
N LEU A 74 -16.77 -17.32 -12.34
CA LEU A 74 -17.71 -16.52 -13.11
C LEU A 74 -17.01 -15.74 -14.21
N PRO A 75 -17.77 -15.29 -15.21
CA PRO A 75 -17.18 -14.39 -16.20
C PRO A 75 -16.65 -13.11 -15.52
N PRO A 76 -15.62 -12.50 -16.09
CA PRO A 76 -14.98 -11.36 -15.42
C PRO A 76 -15.76 -10.04 -15.49
N ASP A 77 -16.68 -9.94 -16.43
CA ASP A 77 -17.28 -8.66 -16.81
C ASP A 77 -17.84 -7.81 -15.66
N GLU A 78 -18.58 -8.44 -14.77
CA GLU A 78 -19.26 -7.69 -13.71
C GLU A 78 -18.30 -7.30 -12.58
N TYR A 79 -17.07 -7.82 -12.62
CA TYR A 79 -16.15 -7.69 -11.49
C TYR A 79 -14.92 -6.84 -11.77
N VAL A 80 -14.88 -6.17 -12.91
CA VAL A 80 -13.73 -5.32 -13.19
C VAL A 80 -13.60 -4.26 -12.11
N VAL A 81 -12.38 -4.01 -11.66
CA VAL A 81 -12.17 -3.02 -10.61
C VAL A 81 -12.77 -1.68 -11.04
N THR A 82 -13.57 -1.10 -10.15
CA THR A 82 -14.29 0.11 -10.47
C THR A 82 -13.96 1.12 -9.38
N ASP A 83 -13.07 2.04 -9.70
CA ASP A 83 -12.51 2.97 -8.72
C ASP A 83 -12.62 4.35 -9.31
N PRO A 84 -13.83 4.93 -9.24
CA PRO A 84 -13.99 6.23 -9.89
C PRO A 84 -13.10 7.34 -9.33
N GLU A 85 -12.81 7.31 -8.03
CA GLU A 85 -11.97 8.37 -7.44
C GLU A 85 -10.58 8.36 -8.08
N GLN A 86 -10.00 7.19 -8.26
CA GLN A 86 -8.68 7.10 -8.84
C GLN A 86 -8.71 7.37 -10.35
N GLU A 87 -9.78 6.96 -11.02
CA GLU A 87 -9.94 7.28 -12.44
C GLU A 87 -9.99 8.78 -12.67
N LYS A 88 -10.72 9.48 -11.80
CA LYS A 88 -10.82 10.94 -11.88
C LYS A 88 -9.47 11.58 -11.65
N ASN A 89 -8.79 11.14 -10.60
CA ASN A 89 -7.49 11.73 -10.27
C ASN A 89 -6.50 11.62 -11.43
N PHE A 90 -6.45 10.45 -12.07
CA PHE A 90 -5.48 10.20 -13.13
C PHE A 90 -5.98 10.55 -14.52
N GLY A 91 -7.26 10.86 -14.64
CA GLY A 91 -7.84 11.22 -15.93
C GLY A 91 -7.80 10.06 -16.90
N PHE A 92 -8.31 8.92 -16.46
CA PHE A 92 -8.32 7.75 -17.32
C PHE A 92 -9.42 6.79 -16.94
N SER A 93 -9.65 5.83 -17.81
CA SER A 93 -10.58 4.75 -17.58
C SER A 93 -9.80 3.44 -17.59
N LEU A 94 -9.92 2.65 -16.52
CA LEU A 94 -9.22 1.36 -16.46
C LEU A 94 -9.68 0.42 -17.58
N GLN A 95 -10.98 0.37 -17.84
CA GLN A 95 -11.46 -0.47 -18.93
C GLN A 95 -10.90 -0.05 -20.27
N ASP A 96 -10.82 1.25 -20.52
CA ASP A 96 -10.29 1.72 -21.80
C ASP A 96 -8.80 1.41 -21.91
N ALA A 97 -8.06 1.55 -20.81
CA ALA A 97 -6.65 1.22 -20.83
C ALA A 97 -6.44 -0.29 -21.09
N LEU A 98 -7.22 -1.14 -20.45
CA LEU A 98 -7.13 -2.57 -20.72
C LEU A 98 -7.44 -2.86 -22.17
N SER A 99 -8.43 -2.17 -22.72
CA SER A 99 -8.76 -2.37 -24.13
C SER A 99 -7.57 -2.03 -25.03
N ARG A 100 -6.89 -0.93 -24.72
CA ARG A 100 -5.71 -0.57 -25.50
C ARG A 100 -4.62 -1.63 -25.40
N ALA A 101 -4.37 -2.14 -24.19
CA ALA A 101 -3.35 -3.17 -24.00
C ALA A 101 -3.72 -4.45 -24.77
N ARG A 102 -5.01 -4.72 -24.87
CA ARG A 102 -5.46 -5.90 -25.61
C ARG A 102 -5.26 -5.73 -27.11
N GLU A 103 -5.31 -4.49 -27.58
CA GLU A 103 -5.16 -4.21 -29.00
C GLU A 103 -3.71 -4.13 -29.45
N ARG A 104 -2.82 -3.62 -28.60
CA ARG A 104 -1.42 -3.48 -29.01
C ARG A 104 -0.49 -3.43 -27.81
N ARG A 105 0.76 -3.76 -28.07
CA ARG A 105 1.80 -3.72 -27.05
C ARG A 105 2.28 -2.27 -26.92
N LEU A 106 2.00 -1.64 -25.77
CA LEU A 106 2.24 -0.22 -25.64
C LEU A 106 3.67 0.19 -26.00
N LEU A 107 4.66 -0.58 -25.56
CA LEU A 107 6.04 -0.15 -25.66
C LEU A 107 6.83 -0.96 -26.68
N GLU A 108 6.15 -1.64 -27.60
CA GLU A 108 6.91 -2.36 -28.62
C GLU A 108 7.76 -1.36 -29.38
N GLY A 109 8.99 -1.76 -29.68
CA GLY A 109 9.90 -0.87 -30.38
C GLY A 109 10.67 0.10 -29.48
N TYR A 110 10.26 0.25 -28.23
CA TYR A 110 11.06 1.03 -27.28
C TYR A 110 12.16 0.19 -26.67
N GLU A 111 13.33 0.81 -26.48
CA GLU A 111 14.42 0.22 -25.72
C GLU A 111 14.70 1.15 -24.56
N ILE A 112 14.62 0.63 -23.34
CA ILE A 112 14.57 1.52 -22.18
C ILE A 112 15.56 1.10 -21.11
N TYR A 113 16.45 2.03 -20.75
CA TYR A 113 17.42 1.84 -19.67
C TYR A 113 16.96 2.64 -18.48
N VAL A 114 17.27 2.19 -17.26
CA VAL A 114 16.80 2.86 -16.07
C VAL A 114 18.01 3.09 -15.13
N THR A 115 18.24 4.35 -14.74
CA THR A 115 19.40 4.63 -13.89
C THR A 115 19.10 4.14 -12.45
N PRO A 116 20.15 3.98 -11.63
CA PRO A 116 19.99 3.09 -10.47
C PRO A 116 19.15 3.64 -9.31
N GLY A 117 18.97 4.96 -9.26
CA GLY A 117 18.23 5.57 -8.15
C GLY A 117 16.75 5.73 -8.39
N VAL A 118 16.26 5.33 -9.57
CA VAL A 118 14.86 5.49 -9.92
C VAL A 118 13.98 4.60 -9.02
N GLN A 119 12.75 5.07 -8.78
CA GLN A 119 11.73 4.27 -8.11
C GLN A 119 10.51 4.16 -9.02
N PRO A 120 9.99 2.94 -9.26
CA PRO A 120 10.51 1.66 -8.78
C PRO A 120 11.90 1.42 -9.35
N PRO A 121 12.68 0.55 -8.70
CA PRO A 121 14.07 0.36 -9.16
C PRO A 121 14.17 -0.34 -10.51
N PRO A 122 15.37 -0.32 -11.12
CA PRO A 122 15.52 -0.83 -12.49
C PRO A 122 14.93 -2.20 -12.79
N PRO A 123 15.15 -3.23 -11.94
CA PRO A 123 14.61 -4.54 -12.33
C PRO A 123 13.07 -4.55 -12.32
N GLN A 124 12.46 -3.79 -11.42
CA GLN A 124 11.00 -3.70 -11.36
C GLN A 124 10.49 -2.90 -12.55
N MET A 125 11.15 -1.80 -12.88
CA MET A 125 10.80 -1.10 -14.13
C MET A 125 10.93 -2.05 -15.32
N GLY A 126 11.98 -2.87 -15.31
CA GLY A 126 12.18 -3.79 -16.42
C GLY A 126 11.03 -4.75 -16.59
N GLU A 127 10.46 -5.22 -15.49
CA GLU A 127 9.31 -6.08 -15.57
C GLU A 127 8.12 -5.38 -16.21
N ILE A 128 7.88 -4.14 -15.78
N ILE A 128 7.88 -4.14 -15.79
CA ILE A 128 6.80 -3.35 -16.34
CA ILE A 128 6.78 -3.37 -16.36
C ILE A 128 7.01 -3.12 -17.83
C ILE A 128 7.00 -3.10 -17.85
N ILE A 129 8.22 -2.72 -18.20
CA ILE A 129 8.56 -2.47 -19.59
C ILE A 129 8.28 -3.71 -20.46
N SER A 130 8.76 -4.87 -20.01
CA SER A 130 8.61 -6.09 -20.76
C SER A 130 7.14 -6.52 -20.83
N CYS A 131 6.37 -6.26 -19.77
CA CYS A 131 4.93 -6.59 -19.78
C CYS A 131 4.16 -5.75 -20.80
N CYS A 132 4.72 -4.62 -21.21
CA CYS A 132 4.16 -3.77 -22.27
C CYS A 132 4.81 -4.04 -23.62
N GLY A 133 5.61 -5.10 -23.70
CA GLY A 133 6.20 -5.46 -24.98
C GLY A 133 7.45 -4.67 -25.32
N GLY A 134 7.95 -3.85 -24.40
CA GLY A 134 9.17 -3.11 -24.66
C GLY A 134 10.41 -3.95 -24.38
N THR A 135 11.55 -3.42 -24.79
CA THR A 135 12.83 -4.07 -24.55
C THR A 135 13.54 -3.35 -23.40
N TYR A 136 13.73 -4.07 -22.31
CA TYR A 136 14.49 -3.56 -21.17
C TYR A 136 15.99 -3.69 -21.45
N LEU A 137 16.71 -2.58 -21.23
CA LEU A 137 18.17 -2.54 -21.38
C LEU A 137 18.84 -2.57 -20.02
N PRO A 138 19.53 -3.67 -19.70
CA PRO A 138 20.23 -3.74 -18.41
C PRO A 138 21.59 -3.07 -18.41
N SER A 139 22.14 -2.78 -19.59
CA SER A 139 23.45 -2.14 -19.75
C SER A 139 23.23 -0.74 -20.31
N MET A 140 24.10 0.19 -19.94
CA MET A 140 24.00 1.55 -20.42
C MET A 140 24.09 1.63 -21.94
N PRO A 141 23.07 2.19 -22.61
CA PRO A 141 23.20 2.35 -24.05
C PRO A 141 24.25 3.42 -24.39
N ARG A 142 25.00 3.21 -25.45
CA ARG A 142 26.08 4.13 -25.80
C ARG A 142 25.99 4.63 -27.23
N SER A 143 24.85 4.39 -27.87
CA SER A 143 24.60 4.89 -29.23
C SER A 143 23.13 5.23 -29.40
N TYR A 144 22.87 6.15 -30.32
CA TYR A 144 21.52 6.62 -30.60
C TYR A 144 20.69 5.63 -31.41
N LYS A 145 19.41 5.53 -31.05
CA LYS A 145 18.40 4.86 -31.86
C LYS A 145 17.05 5.48 -31.51
N PRO A 146 16.15 5.63 -32.51
CA PRO A 146 14.85 6.20 -32.16
C PRO A 146 14.15 5.32 -31.13
N GLN A 147 13.42 5.95 -30.21
CA GLN A 147 12.66 5.24 -29.16
CA GLN A 147 12.67 5.27 -29.15
C GLN A 147 13.55 4.47 -28.17
N ARG A 148 14.84 4.78 -28.17
CA ARG A 148 15.76 4.28 -27.15
C ARG A 148 15.88 5.42 -26.14
N VAL A 149 15.44 5.17 -24.91
CA VAL A 149 15.32 6.25 -23.93
C VAL A 149 15.85 5.78 -22.57
N VAL A 150 16.11 6.77 -21.71
CA VAL A 150 16.64 6.51 -20.38
C VAL A 150 15.70 7.11 -19.35
N ILE A 151 15.25 6.27 -18.41
N ILE A 151 15.25 6.28 -18.41
CA ILE A 151 14.47 6.72 -17.27
CA ILE A 151 14.45 6.78 -17.30
C ILE A 151 15.44 7.11 -16.17
C ILE A 151 15.39 7.09 -16.16
N THR A 152 15.28 8.31 -15.62
CA THR A 152 16.23 8.78 -14.63
C THR A 152 15.56 9.72 -13.63
N CYS A 153 16.36 10.28 -12.74
CA CYS A 153 15.87 11.18 -11.70
C CYS A 153 17.02 12.12 -11.33
N PRO A 154 16.72 13.24 -10.66
CA PRO A 154 17.72 14.27 -10.37
C PRO A 154 18.95 13.72 -9.66
N GLN A 155 18.71 12.83 -8.70
CA GLN A 155 19.78 12.17 -7.96
C GLN A 155 20.80 11.49 -8.87
N ASP A 156 20.33 11.04 -10.03
CA ASP A 156 21.15 10.28 -10.96
C ASP A 156 21.75 11.09 -12.10
N PHE A 157 21.73 12.42 -11.96
CA PHE A 157 22.32 13.27 -12.99
C PHE A 157 23.74 12.85 -13.36
N PRO A 158 24.59 12.54 -12.36
CA PRO A 158 25.97 12.13 -12.69
C PRO A 158 26.03 10.90 -13.59
N HIS A 159 24.95 10.13 -13.65
CA HIS A 159 24.90 8.93 -14.45
C HIS A 159 24.32 9.13 -15.83
N CYS A 160 24.04 10.37 -16.19
CA CYS A 160 23.38 10.65 -17.45
C CYS A 160 24.31 11.26 -18.50
N SER A 161 25.59 11.38 -18.18
CA SER A 161 26.54 12.01 -19.12
C SER A 161 26.57 11.27 -20.46
N ILE A 162 26.58 9.94 -20.41
CA ILE A 162 26.64 9.14 -21.63
C ILE A 162 25.39 9.34 -22.50
N PRO A 163 24.18 9.12 -21.96
CA PRO A 163 23.01 9.29 -22.81
C PRO A 163 22.84 10.72 -23.30
N LEU A 164 23.21 11.69 -22.48
CA LEU A 164 23.14 13.08 -22.92
C LEU A 164 23.99 13.31 -24.16
N ARG A 165 25.18 12.71 -24.20
CA ARG A 165 26.09 12.96 -25.33
C ARG A 165 25.60 12.35 -26.62
N VAL A 166 25.02 11.16 -26.55
CA VAL A 166 24.59 10.54 -27.80
C VAL A 166 23.17 10.90 -28.18
N GLY A 167 22.49 11.68 -27.35
CA GLY A 167 21.19 12.24 -27.74
C GLY A 167 20.00 11.39 -27.34
N LEU A 168 20.18 10.51 -26.36
CA LEU A 168 19.05 9.72 -25.85
C LEU A 168 18.26 10.56 -24.87
N PRO A 169 16.94 10.63 -25.07
CA PRO A 169 16.07 11.36 -24.14
C PRO A 169 16.18 10.85 -22.70
N LEU A 170 16.26 11.78 -21.75
CA LEU A 170 16.13 11.49 -20.31
C LEU A 170 14.69 11.75 -19.88
N LEU A 171 14.03 10.71 -19.36
CA LEU A 171 12.61 10.78 -19.00
C LEU A 171 12.43 10.49 -17.53
N SER A 172 11.44 11.15 -16.94
CA SER A 172 11.09 10.82 -15.56
C SER A 172 10.39 9.47 -15.47
N PRO A 173 10.39 8.87 -14.26
CA PRO A 173 9.72 7.58 -14.10
C PRO A 173 8.23 7.65 -14.40
N GLU A 174 7.66 8.84 -14.31
CA GLU A 174 6.25 9.00 -14.61
C GLU A 174 5.92 8.66 -16.07
N PHE A 175 6.90 8.72 -16.97
CA PHE A 175 6.66 8.24 -18.34
C PHE A 175 6.02 6.85 -18.28
N LEU A 176 6.57 5.99 -17.43
CA LEU A 176 6.05 4.65 -17.29
C LEU A 176 4.93 4.58 -16.25
N LEU A 177 5.08 5.27 -15.12
CA LEU A 177 4.06 5.14 -14.09
C LEU A 177 2.73 5.69 -14.56
N ASP A 178 2.73 6.83 -15.25
CA ASP A 178 1.49 7.39 -15.81
C ASP A 178 1.16 6.72 -17.15
N GLY A 179 2.17 6.52 -17.99
CA GLY A 179 1.94 6.00 -19.33
C GLY A 179 1.40 4.57 -19.35
N VAL A 180 1.93 3.71 -18.48
CA VAL A 180 1.46 2.34 -18.45
C VAL A 180 0.07 2.27 -17.84
N LEU A 181 -0.20 3.08 -16.81
CA LEU A 181 -1.50 3.14 -16.21
C LEU A 181 -2.57 3.53 -17.23
N LYS A 182 -2.26 4.52 -18.06
CA LYS A 182 -3.21 5.01 -19.03
C LYS A 182 -3.13 4.30 -20.37
N GLN A 183 -2.11 3.45 -20.55
CA GLN A 183 -1.79 2.86 -21.85
C GLN A 183 -1.66 3.93 -22.94
N GLU A 184 -0.81 4.92 -22.65
CA GLU A 184 -0.36 5.94 -23.62
C GLU A 184 1.17 6.01 -23.53
N ALA A 185 1.85 6.19 -24.65
CA ALA A 185 3.30 6.36 -24.59
C ALA A 185 3.62 7.71 -25.17
N LYS A 186 3.90 8.68 -24.29
CA LYS A 186 4.10 10.07 -24.69
C LYS A 186 5.37 10.60 -24.06
N PRO A 187 6.52 10.17 -24.58
CA PRO A 187 7.78 10.48 -23.92
C PRO A 187 8.05 11.98 -23.85
N GLU A 188 7.57 12.74 -24.83
CA GLU A 188 7.80 14.20 -24.89
C GLU A 188 7.36 14.88 -23.62
N ALA A 189 6.30 14.37 -23.02
CA ALA A 189 5.72 15.02 -21.86
C ALA A 189 6.54 14.81 -20.57
N PHE A 190 7.56 13.95 -20.63
CA PHE A 190 8.29 13.55 -19.43
C PHE A 190 9.78 13.80 -19.54
N VAL A 191 10.20 14.52 -20.57
CA VAL A 191 11.61 14.81 -20.75
C VAL A 191 12.06 15.71 -19.62
N LEU A 192 13.16 15.34 -19.00
CA LEU A 192 13.65 16.07 -17.83
C LEU A 192 14.38 17.35 -18.21
N SER A 193 13.97 18.47 -17.61
CA SER A 193 14.66 19.73 -17.82
C SER A 193 15.77 19.89 -16.78
N PRO A 194 16.70 20.81 -17.04
CA PRO A 194 17.78 21.09 -16.09
C PRO A 194 17.25 21.51 -14.71
N GLY B 1 13.80 23.72 19.19
CA GLY B 1 13.02 22.58 18.63
C GLY B 1 13.91 21.62 17.87
N THR B 2 13.28 20.69 17.14
CA THR B 2 14.01 19.73 16.31
C THR B 2 13.49 19.79 14.86
N ALA B 3 14.38 19.65 13.89
CA ALA B 3 13.99 19.60 12.47
C ALA B 3 13.05 18.41 12.24
N PRO B 4 12.13 18.53 11.25
CA PRO B 4 11.20 17.43 11.00
C PRO B 4 11.90 16.10 10.73
N LYS B 5 11.32 15.05 11.30
CA LYS B 5 11.73 13.67 11.02
C LYS B 5 10.50 13.05 10.38
N VAL B 6 10.52 12.98 9.06
CA VAL B 6 9.31 12.73 8.30
C VAL B 6 9.19 11.26 7.92
N LEU B 7 8.02 10.68 8.20
CA LEU B 7 7.72 9.30 7.87
C LEU B 7 6.77 9.31 6.67
N PHE B 8 6.96 8.35 5.77
CA PHE B 8 6.12 8.23 4.57
C PHE B 8 5.37 6.92 4.61
N THR B 9 4.11 6.95 4.21
CA THR B 9 3.36 5.72 4.05
C THR B 9 2.50 5.81 2.80
N GLY B 10 2.10 4.64 2.32
CA GLY B 10 1.11 4.57 1.25
C GLY B 10 1.67 4.49 -0.14
N VAL B 11 2.46 5.50 -0.50
N VAL B 11 2.40 5.54 -0.52
CA VAL B 11 3.06 5.59 -1.83
CA VAL B 11 3.10 5.56 -1.80
C VAL B 11 4.48 6.13 -1.74
C VAL B 11 4.54 5.98 -1.59
N VAL B 12 5.40 5.55 -2.50
CA VAL B 12 6.76 6.03 -2.58
C VAL B 12 6.72 7.39 -3.25
N ASP B 13 7.29 8.41 -2.59
CA ASP B 13 7.30 9.76 -3.12
C ASP B 13 8.75 10.23 -3.14
N ALA B 14 9.43 9.93 -4.23
CA ALA B 14 10.85 10.22 -4.32
C ALA B 14 11.13 11.70 -4.22
N ARG B 15 10.27 12.50 -4.86
CA ARG B 15 10.41 13.94 -4.82
C ARG B 15 10.27 14.45 -3.40
N GLY B 16 9.30 13.91 -2.67
CA GLY B 16 9.07 14.33 -1.29
C GLY B 16 10.25 13.98 -0.40
N GLU B 17 10.83 12.80 -0.59
CA GLU B 17 11.97 12.42 0.22
C GLU B 17 13.13 13.37 -0.04
N ARG B 18 13.36 13.70 -1.31
CA ARG B 18 14.43 14.60 -1.62
C ARG B 18 14.18 15.97 -1.00
N ALA B 19 12.93 16.42 -1.00
CA ALA B 19 12.61 17.70 -0.37
C ALA B 19 12.88 17.71 1.12
N VAL B 20 12.56 16.64 1.82
CA VAL B 20 12.82 16.59 3.25
C VAL B 20 14.30 16.85 3.52
N LEU B 21 15.16 16.16 2.76
CA LEU B 21 16.59 16.32 2.95
C LEU B 21 17.06 17.73 2.55
N ALA B 22 16.57 18.22 1.43
CA ALA B 22 16.99 19.54 0.95
C ALA B 22 16.62 20.64 1.94
N LEU B 23 15.52 20.44 2.66
CA LEU B 23 14.99 21.48 3.56
C LEU B 23 15.50 21.35 4.98
N GLY B 24 16.41 20.40 5.22
CA GLY B 24 17.08 20.28 6.51
C GLY B 24 16.47 19.29 7.47
N GLY B 25 15.53 18.49 6.98
CA GLY B 25 14.92 17.46 7.82
C GLY B 25 15.58 16.11 7.59
N SER B 26 15.04 15.06 8.18
CA SER B 26 15.53 13.71 7.97
C SER B 26 14.36 12.78 7.78
N LEU B 27 14.65 11.58 7.31
CA LEU B 27 13.64 10.55 7.12
C LEU B 27 13.52 9.73 8.41
N ALA B 28 12.34 9.70 8.99
CA ALA B 28 12.13 8.97 10.24
C ALA B 28 12.34 7.49 10.03
N GLY B 29 12.95 6.85 11.03
CA GLY B 29 13.19 5.42 10.98
C GLY B 29 12.02 4.59 11.49
N SER B 30 11.08 5.24 12.18
CA SER B 30 9.92 4.56 12.74
C SER B 30 8.83 5.58 13.05
N ALA B 31 7.60 5.10 13.21
CA ALA B 31 6.51 5.98 13.64
C ALA B 31 6.76 6.60 15.02
N ALA B 32 7.37 5.84 15.93
CA ALA B 32 7.68 6.31 17.26
C ALA B 32 8.54 7.56 17.28
N GLU B 33 9.44 7.70 16.31
CA GLU B 33 10.34 8.84 16.28
C GLU B 33 9.92 9.96 15.34
N ALA B 34 8.89 9.74 14.55
CA ALA B 34 8.50 10.70 13.53
C ALA B 34 7.85 11.94 14.13
N SER B 35 8.08 13.07 13.48
CA SER B 35 7.35 14.30 13.82
C SER B 35 6.16 14.54 12.89
N HIS B 36 6.16 13.93 11.70
CA HIS B 36 5.13 14.14 10.71
C HIS B 36 4.99 12.88 9.90
N LEU B 37 3.78 12.59 9.46
CA LEU B 37 3.54 11.51 8.50
C LEU B 37 3.01 12.10 7.22
N VAL B 38 3.58 11.66 6.09
CA VAL B 38 3.14 12.10 4.78
C VAL B 38 2.55 10.89 4.05
N THR B 39 1.43 11.12 3.37
CA THR B 39 0.72 10.07 2.66
C THR B 39 -0.08 10.69 1.53
N ASP B 40 -0.57 9.86 0.62
CA ASP B 40 -1.45 10.36 -0.43
C ASP B 40 -2.93 10.43 -0.03
N ARG B 41 -3.35 9.52 0.84
CA ARG B 41 -4.75 9.41 1.24
CA ARG B 41 -4.74 9.41 1.25
C ARG B 41 -4.78 8.67 2.58
N ILE B 42 -5.97 8.52 3.15
CA ILE B 42 -6.10 7.72 4.34
C ILE B 42 -5.83 6.27 3.95
N ARG B 43 -4.89 5.65 4.64
CA ARG B 43 -4.59 4.23 4.42
C ARG B 43 -4.44 3.51 5.72
N ARG B 44 -4.95 2.30 5.79
CA ARG B 44 -4.84 1.53 7.01
C ARG B 44 -3.55 0.73 7.07
N THR B 45 -2.43 1.43 6.96
CA THR B 45 -1.11 0.85 7.16
C THR B 45 -0.73 0.93 8.63
N VAL B 46 0.23 0.10 9.03
CA VAL B 46 0.76 0.17 10.38
C VAL B 46 1.28 1.58 10.68
N LYS B 47 2.04 2.17 9.76
CA LYS B 47 2.55 3.53 9.99
C LYS B 47 1.43 4.54 10.20
N PHE B 48 0.37 4.47 9.41
CA PHE B 48 -0.71 5.44 9.53
C PHE B 48 -1.37 5.31 10.89
N LEU B 49 -1.67 4.07 11.29
CA LEU B 49 -2.32 3.85 12.56
C LEU B 49 -1.45 4.29 13.73
N CYS B 50 -0.15 4.04 13.64
CA CYS B 50 0.76 4.48 14.69
C CYS B 50 0.79 6.01 14.76
N ALA B 51 0.93 6.69 13.62
CA ALA B 51 1.01 8.14 13.61
C ALA B 51 -0.27 8.74 14.20
N LEU B 52 -1.42 8.19 13.79
CA LEU B 52 -2.70 8.65 14.29
C LEU B 52 -2.78 8.45 15.80
N GLY B 53 -2.40 7.26 16.27
CA GLY B 53 -2.42 6.98 17.71
C GLY B 53 -1.58 7.98 18.50
N ARG B 54 -0.45 8.41 17.93
CA ARG B 54 0.42 9.38 18.58
C ARG B 54 -0.10 10.81 18.45
N GLY B 55 -1.01 11.06 17.51
CA GLY B 55 -1.51 12.41 17.27
C GLY B 55 -0.59 13.31 16.45
N ILE B 56 0.42 12.75 15.77
CA ILE B 56 1.28 13.62 14.95
C ILE B 56 0.55 14.07 13.68
N PRO B 57 1.01 15.17 13.07
CA PRO B 57 0.34 15.60 11.85
C PRO B 57 0.40 14.55 10.75
N ILE B 58 -0.74 14.38 10.07
CA ILE B 58 -0.86 13.46 8.95
C ILE B 58 -1.20 14.31 7.73
N LEU B 59 -0.23 14.43 6.83
CA LEU B 59 -0.24 15.46 5.80
C LEU B 59 -0.18 14.85 4.42
N SER B 60 -0.74 15.58 3.45
CA SER B 60 -0.68 15.14 2.06
C SER B 60 0.71 15.32 1.43
N LEU B 61 0.88 14.73 0.24
CA LEU B 61 2.10 14.88 -0.55
C LEU B 61 2.41 16.34 -0.86
N ASP B 62 1.36 17.14 -0.88
CA ASP B 62 1.50 18.54 -1.29
C ASP B 62 2.30 19.35 -0.28
N TRP B 63 2.30 18.94 0.98
CA TRP B 63 3.06 19.69 1.99
C TRP B 63 4.52 19.84 1.59
N LEU B 64 5.17 18.75 1.23
CA LEU B 64 6.57 18.84 0.90
C LEU B 64 6.80 19.48 -0.45
N HIS B 65 5.89 19.26 -1.39
CA HIS B 65 6.08 19.81 -2.72
C HIS B 65 5.96 21.35 -2.64
N GLN B 66 4.98 21.84 -1.90
CA GLN B 66 4.82 23.28 -1.70
C GLN B 66 5.94 23.84 -0.82
N SER B 67 6.39 23.07 0.16
CA SER B 67 7.50 23.50 1.02
C SER B 67 8.78 23.69 0.21
N ARG B 68 9.05 22.78 -0.73
CA ARG B 68 10.25 22.91 -1.53
C ARG B 68 10.19 24.20 -2.35
N LYS B 69 8.99 24.54 -2.87
CA LYS B 69 8.81 25.79 -3.61
C LYS B 69 8.99 27.03 -2.71
N ALA B 70 8.53 26.93 -1.47
CA ALA B 70 8.64 28.05 -0.53
C ALA B 70 10.06 28.20 0.02
N GLY B 71 10.83 27.12 -0.07
CA GLY B 71 12.17 27.04 0.48
C GLY B 71 12.32 26.71 1.96
N PHE B 72 11.24 26.26 2.59
CA PHE B 72 11.29 25.86 4.00
C PHE B 72 10.05 25.02 4.31
N PHE B 73 10.10 24.28 5.40
CA PHE B 73 8.95 23.48 5.79
C PHE B 73 7.80 24.39 6.18
N LEU B 74 6.71 24.31 5.43
CA LEU B 74 5.54 25.15 5.69
C LEU B 74 4.79 24.71 6.94
N PRO B 75 3.96 25.60 7.51
CA PRO B 75 3.06 25.17 8.58
C PRO B 75 2.21 24.02 8.05
N PRO B 76 1.89 23.05 8.91
CA PRO B 76 1.21 21.83 8.46
C PRO B 76 -0.29 21.99 8.19
N ASP B 77 -0.93 22.97 8.82
CA ASP B 77 -2.39 22.99 8.92
C ASP B 77 -3.15 22.90 7.59
N GLU B 78 -2.69 23.59 6.56
CA GLU B 78 -3.42 23.60 5.29
C GLU B 78 -3.28 22.28 4.54
N TYR B 79 -2.38 21.41 4.99
CA TYR B 79 -2.01 20.21 4.26
C TYR B 79 -2.50 18.93 4.93
N VAL B 80 -3.32 19.04 5.97
CA VAL B 80 -3.86 17.84 6.58
C VAL B 80 -4.60 17.00 5.53
N VAL B 81 -4.43 15.69 5.59
CA VAL B 81 -5.08 14.82 4.61
C VAL B 81 -6.59 15.03 4.63
N THR B 82 -7.15 15.21 3.44
CA THR B 82 -8.56 15.47 3.29
C THR B 82 -9.12 14.45 2.30
N ASP B 83 -9.70 13.38 2.82
CA ASP B 83 -10.05 12.20 2.03
C ASP B 83 -11.46 11.72 2.36
N PRO B 84 -12.48 12.38 1.79
CA PRO B 84 -13.85 12.03 2.17
C PRO B 84 -14.25 10.61 1.79
N GLU B 85 -13.67 10.07 0.72
CA GLU B 85 -13.98 8.71 0.33
C GLU B 85 -13.67 7.73 1.45
N GLN B 86 -12.46 7.81 2.00
CA GLN B 86 -12.07 6.92 3.08
CA GLN B 86 -12.09 6.90 3.08
C GLN B 86 -12.72 7.27 4.43
N GLU B 87 -12.99 8.55 4.66
CA GLU B 87 -13.74 8.91 5.87
C GLU B 87 -15.12 8.26 5.84
N LYS B 88 -15.72 8.18 4.65
CA LYS B 88 -16.99 7.49 4.49
C LYS B 88 -16.82 5.98 4.67
N ASN B 89 -15.84 5.41 3.99
CA ASN B 89 -15.72 3.96 3.96
C ASN B 89 -15.34 3.40 5.32
N PHE B 90 -14.49 4.12 6.05
CA PHE B 90 -14.04 3.69 7.39
C PHE B 90 -14.89 4.31 8.50
N GLY B 91 -15.77 5.25 8.14
CA GLY B 91 -16.71 5.82 9.10
C GLY B 91 -16.07 6.67 10.19
N PHE B 92 -15.24 7.63 9.80
CA PHE B 92 -14.58 8.48 10.80
C PHE B 92 -14.11 9.79 10.20
N SER B 93 -13.81 10.74 11.07
CA SER B 93 -13.19 11.99 10.68
C SER B 93 -11.73 11.99 11.12
N LEU B 94 -10.81 12.16 10.18
CA LEU B 94 -9.40 12.16 10.54
C LEU B 94 -9.09 13.31 11.52
N GLN B 95 -9.60 14.50 11.25
CA GLN B 95 -9.35 15.59 12.17
C GLN B 95 -9.88 15.30 13.57
N ASP B 96 -11.09 14.74 13.65
CA ASP B 96 -11.65 14.44 14.96
C ASP B 96 -10.81 13.38 15.68
N ALA B 97 -10.37 12.37 14.93
CA ALA B 97 -9.56 11.32 15.55
C ALA B 97 -8.22 11.86 16.05
N LEU B 98 -7.59 12.74 15.27
CA LEU B 98 -6.33 13.34 15.70
C LEU B 98 -6.56 14.19 16.96
N SER B 99 -7.67 14.91 17.01
CA SER B 99 -7.97 15.72 18.18
C SER B 99 -8.11 14.82 19.41
N ARG B 100 -8.76 13.66 19.26
CA ARG B 100 -8.91 12.73 20.38
C ARG B 100 -7.56 12.23 20.84
N ALA B 101 -6.70 11.85 19.88
CA ALA B 101 -5.38 11.36 20.22
C ALA B 101 -4.55 12.41 20.94
N ARG B 102 -4.74 13.67 20.55
CA ARG B 102 -4.01 14.75 21.18
C ARG B 102 -4.50 15.05 22.59
N GLU B 103 -5.74 14.68 22.89
CA GLU B 103 -6.32 14.88 24.21
C GLU B 103 -6.02 13.74 25.18
N ARG B 104 -6.02 12.50 24.70
CA ARG B 104 -5.79 11.38 25.59
C ARG B 104 -5.23 10.18 24.83
N ARG B 105 -4.53 9.34 25.57
CA ARG B 105 -3.97 8.10 25.04
C ARG B 105 -5.10 7.07 24.91
N LEU B 106 -5.42 6.63 23.69
CA LEU B 106 -6.58 5.77 23.51
C LEU B 106 -6.53 4.52 24.38
N LEU B 107 -5.36 3.89 24.45
CA LEU B 107 -5.27 2.59 25.11
C LEU B 107 -4.61 2.67 26.49
N GLU B 108 -4.65 3.85 27.10
CA GLU B 108 -4.24 3.97 28.49
C GLU B 108 -4.87 2.88 29.34
N GLY B 109 -4.03 2.18 30.11
CA GLY B 109 -4.51 1.12 31.01
C GLY B 109 -4.77 -0.25 30.40
N TYR B 110 -4.68 -0.37 29.08
CA TYR B 110 -4.88 -1.65 28.41
C TYR B 110 -3.58 -2.41 28.35
N GLU B 111 -3.68 -3.74 28.45
CA GLU B 111 -2.57 -4.65 28.22
C GLU B 111 -3.05 -5.63 27.16
N ILE B 112 -2.31 -5.76 26.07
CA ILE B 112 -2.81 -6.47 24.91
C ILE B 112 -1.79 -7.45 24.37
N TYR B 113 -2.16 -8.74 24.34
CA TYR B 113 -1.38 -9.79 23.73
C TYR B 113 -1.95 -10.07 22.34
N VAL B 114 -1.10 -10.46 21.40
CA VAL B 114 -1.53 -10.72 20.02
C VAL B 114 -1.02 -12.10 19.60
N THR B 115 -1.91 -12.97 19.15
CA THR B 115 -1.51 -14.31 18.76
C THR B 115 -0.81 -14.32 17.39
N PRO B 116 -0.05 -15.39 17.10
CA PRO B 116 0.90 -15.33 15.99
C PRO B 116 0.33 -15.18 14.58
N GLY B 117 -0.88 -15.62 14.34
CA GLY B 117 -1.47 -15.57 13.00
C GLY B 117 -2.21 -14.29 12.67
N VAL B 118 -2.27 -13.37 13.62
CA VAL B 118 -2.99 -12.12 13.40
C VAL B 118 -2.30 -11.27 12.33
N GLN B 119 -3.10 -10.52 11.57
CA GLN B 119 -2.58 -9.52 10.63
C GLN B 119 -3.13 -8.16 11.00
N PRO B 120 -2.27 -7.15 11.13
CA PRO B 120 -0.80 -7.23 11.00
C PRO B 120 -0.19 -8.08 12.14
N PRO B 121 1.05 -8.54 11.94
CA PRO B 121 1.58 -9.51 12.90
C PRO B 121 1.91 -8.88 14.24
N PRO B 122 2.08 -9.72 15.26
CA PRO B 122 2.23 -9.22 16.62
C PRO B 122 3.20 -8.06 16.84
N PRO B 123 4.43 -8.11 16.29
CA PRO B 123 5.31 -6.96 16.57
C PRO B 123 4.78 -5.63 16.04
N GLN B 124 4.14 -5.69 14.87
N GLN B 124 4.11 -5.66 14.89
CA GLN B 124 3.55 -4.52 14.23
CA GLN B 124 3.60 -4.45 14.31
C GLN B 124 2.35 -4.05 15.03
C GLN B 124 2.28 -4.01 14.97
N MET B 125 1.46 -4.97 15.37
CA MET B 125 0.32 -4.63 16.21
C MET B 125 0.83 -4.02 17.52
N GLY B 126 1.92 -4.58 18.05
CA GLY B 126 2.53 -4.02 19.26
C GLY B 126 2.95 -2.57 19.12
N GLU B 127 3.52 -2.21 17.96
CA GLU B 127 3.86 -0.82 17.70
C GLU B 127 2.60 0.06 17.74
N ILE B 128 1.51 -0.37 17.13
CA ILE B 128 0.27 0.38 17.15
C ILE B 128 -0.22 0.55 18.60
N ILE B 129 -0.21 -0.54 19.37
CA ILE B 129 -0.66 -0.49 20.75
C ILE B 129 0.17 0.53 21.54
N SER B 130 1.50 0.47 21.41
N SER B 130 1.49 0.44 21.40
CA SER B 130 2.35 1.39 22.14
CA SER B 130 2.42 1.35 22.07
C SER B 130 2.19 2.84 21.72
C SER B 130 2.14 2.80 21.71
N CYS B 131 1.93 3.06 20.42
CA CYS B 131 1.72 4.42 19.93
C CYS B 131 0.41 5.02 20.44
N CYS B 132 -0.52 4.16 20.90
CA CYS B 132 -1.77 4.58 21.50
C CYS B 132 -1.67 4.62 23.03
N GLY B 133 -0.47 4.47 23.58
CA GLY B 133 -0.31 4.52 25.03
C GLY B 133 -0.75 3.26 25.77
N GLY B 134 -0.93 2.14 25.04
CA GLY B 134 -1.24 0.88 25.70
C GLY B 134 0.03 0.12 25.99
N THR B 135 -0.10 -0.99 26.69
CA THR B 135 1.02 -1.87 26.96
C THR B 135 0.89 -3.12 26.09
N TYR B 136 1.85 -3.32 25.20
CA TYR B 136 1.92 -4.50 24.37
C TYR B 136 2.53 -5.62 25.22
N LEU B 137 1.89 -6.78 25.25
CA LEU B 137 2.40 -7.95 25.95
C LEU B 137 3.02 -8.91 24.95
N PRO B 138 4.37 -9.01 24.91
CA PRO B 138 4.96 -9.95 23.95
C PRO B 138 4.82 -11.40 24.36
N SER B 139 4.59 -11.63 25.65
CA SER B 139 4.43 -12.96 26.20
C SER B 139 3.03 -13.10 26.77
N MET B 140 2.43 -14.27 26.56
N MET B 140 2.48 -14.28 26.59
CA MET B 140 1.03 -14.44 26.92
CA MET B 140 1.12 -14.53 27.00
C MET B 140 0.80 -14.40 28.42
C MET B 140 0.92 -14.31 28.49
N PRO B 141 -0.11 -13.54 28.86
CA PRO B 141 -0.43 -13.44 30.29
C PRO B 141 -1.18 -14.67 30.76
N ARG B 142 -1.14 -14.95 32.05
CA ARG B 142 -1.65 -16.22 32.58
C ARG B 142 -2.68 -16.00 33.69
N SER B 143 -3.25 -14.80 33.77
CA SER B 143 -4.28 -14.50 34.75
C SER B 143 -5.17 -13.34 34.29
N TYR B 144 -6.33 -13.22 34.92
CA TYR B 144 -7.30 -12.19 34.55
C TYR B 144 -6.87 -10.83 35.08
N LYS B 145 -7.13 -9.79 34.28
CA LYS B 145 -7.08 -8.41 34.74
C LYS B 145 -8.04 -7.61 33.85
N PRO B 146 -8.74 -6.62 34.42
CA PRO B 146 -9.56 -5.76 33.54
C PRO B 146 -8.70 -5.06 32.50
N GLN B 147 -9.24 -4.86 31.31
CA GLN B 147 -8.55 -4.19 30.19
C GLN B 147 -7.30 -4.92 29.70
N ARG B 148 -7.17 -6.18 30.10
CA ARG B 148 -6.16 -7.08 29.54
C ARG B 148 -6.88 -8.00 28.56
N VAL B 149 -6.50 -7.91 27.29
CA VAL B 149 -7.25 -8.60 26.26
C VAL B 149 -6.30 -9.26 25.29
N VAL B 150 -6.82 -10.23 24.55
CA VAL B 150 -6.02 -10.96 23.55
C VAL B 150 -6.61 -10.72 22.17
N ILE B 151 -5.80 -10.20 21.25
N ILE B 151 -5.79 -10.20 21.26
CA ILE B 151 -6.22 -10.08 19.86
CA ILE B 151 -6.19 -10.09 19.86
C ILE B 151 -5.85 -11.36 19.12
C ILE B 151 -5.86 -11.40 19.18
N THR B 152 -6.83 -11.98 18.47
CA THR B 152 -6.61 -13.28 17.89
C THR B 152 -7.52 -13.51 16.70
N CYS B 153 -7.53 -14.74 16.21
CA CYS B 153 -8.34 -15.11 15.07
C CYS B 153 -8.66 -16.59 15.24
N PRO B 154 -9.70 -17.10 14.55
CA PRO B 154 -10.14 -18.47 14.87
C PRO B 154 -9.07 -19.54 14.69
N GLN B 155 -8.22 -19.41 13.67
CA GLN B 155 -7.16 -20.39 13.48
C GLN B 155 -6.20 -20.46 14.66
N ASP B 156 -6.13 -19.36 15.42
CA ASP B 156 -5.23 -19.26 16.56
C ASP B 156 -5.90 -19.63 17.90
N PHE B 157 -7.12 -20.16 17.88
CA PHE B 157 -7.76 -20.48 19.16
C PHE B 157 -6.90 -21.36 20.09
N PRO B 158 -6.16 -22.36 19.55
CA PRO B 158 -5.34 -23.12 20.50
C PRO B 158 -4.29 -22.30 21.22
N HIS B 159 -3.79 -21.24 20.61
CA HIS B 159 -2.86 -20.35 21.30
C HIS B 159 -3.52 -19.68 22.51
N CYS B 160 -4.85 -19.70 22.55
CA CYS B 160 -5.64 -18.97 23.54
C CYS B 160 -6.12 -19.84 24.69
N SER B 161 -5.60 -21.05 24.85
CA SER B 161 -6.08 -21.92 25.92
CA SER B 161 -6.06 -21.94 25.92
C SER B 161 -6.03 -21.28 27.30
N ILE B 162 -4.91 -20.64 27.61
CA ILE B 162 -4.76 -20.02 28.92
C ILE B 162 -5.72 -18.83 29.10
N PRO B 163 -5.74 -17.87 28.15
CA PRO B 163 -6.71 -16.77 28.31
C PRO B 163 -8.15 -17.26 28.40
N LEU B 164 -8.50 -18.28 27.64
CA LEU B 164 -9.84 -18.88 27.75
C LEU B 164 -10.13 -19.35 29.16
N ARG B 165 -9.17 -20.06 29.74
CA ARG B 165 -9.33 -20.61 31.08
CA ARG B 165 -9.31 -20.60 31.09
C ARG B 165 -9.54 -19.52 32.12
N VAL B 166 -8.77 -18.43 32.00
CA VAL B 166 -8.82 -17.39 33.05
C VAL B 166 -9.80 -16.26 32.75
N GLY B 167 -10.44 -16.30 31.60
CA GLY B 167 -11.48 -15.34 31.27
C GLY B 167 -11.05 -14.04 30.61
N LEU B 168 -9.88 -14.02 29.94
CA LEU B 168 -9.49 -12.84 29.20
C LEU B 168 -10.29 -12.81 27.89
N PRO B 169 -10.84 -11.66 27.50
CA PRO B 169 -11.57 -11.59 26.23
C PRO B 169 -10.67 -11.86 25.03
N LEU B 170 -11.22 -12.57 24.04
CA LEU B 170 -10.57 -12.82 22.77
C LEU B 170 -11.23 -11.92 21.75
N LEU B 171 -10.46 -11.02 21.16
CA LEU B 171 -10.98 -9.98 20.29
C LEU B 171 -10.40 -10.07 18.89
N SER B 172 -11.20 -9.63 17.93
N SER B 172 -11.18 -9.68 17.89
CA SER B 172 -10.75 -9.51 16.55
CA SER B 172 -10.65 -9.67 16.54
C SER B 172 -9.70 -8.40 16.40
C SER B 172 -9.73 -8.47 16.39
N PRO B 173 -8.83 -8.52 15.39
CA PRO B 173 -7.91 -7.43 15.14
C PRO B 173 -8.63 -6.12 14.80
N GLU B 174 -9.88 -6.21 14.35
CA GLU B 174 -10.65 -5.00 14.07
C GLU B 174 -10.84 -4.11 15.30
N PHE B 175 -10.74 -4.70 16.51
CA PHE B 175 -10.78 -3.88 17.72
C PHE B 175 -9.82 -2.72 17.61
N LEU B 176 -8.61 -2.98 17.12
CA LEU B 176 -7.60 -1.94 16.90
C LEU B 176 -7.65 -1.34 15.51
N LEU B 177 -7.87 -2.15 14.48
CA LEU B 177 -7.86 -1.58 13.12
C LEU B 177 -8.97 -0.55 12.96
N ASP B 178 -10.14 -0.82 13.52
CA ASP B 178 -11.25 0.16 13.55
C ASP B 178 -11.08 1.15 14.69
N GLY B 179 -10.75 0.62 15.88
CA GLY B 179 -10.67 1.47 17.07
C GLY B 179 -9.64 2.57 16.98
N VAL B 180 -8.47 2.26 16.44
CA VAL B 180 -7.43 3.26 16.37
C VAL B 180 -7.79 4.35 15.37
N LEU B 181 -8.42 3.97 14.28
CA LEU B 181 -8.81 4.93 13.26
C LEU B 181 -9.83 5.91 13.85
N LYS B 182 -10.81 5.36 14.56
CA LYS B 182 -11.88 6.14 15.17
C LYS B 182 -11.48 6.76 16.52
N GLN B 183 -10.33 6.35 17.05
CA GLN B 183 -9.95 6.69 18.42
C GLN B 183 -11.08 6.41 19.40
N GLU B 184 -11.61 5.18 19.28
CA GLU B 184 -12.59 4.63 20.21
C GLU B 184 -12.13 3.23 20.62
N ALA B 185 -12.21 2.90 21.90
CA ALA B 185 -11.87 1.56 22.35
C ALA B 185 -13.13 0.88 22.88
N LYS B 186 -13.68 -0.02 22.07
CA LYS B 186 -14.94 -0.68 22.39
C LYS B 186 -14.76 -2.19 22.32
N PRO B 187 -14.05 -2.75 23.30
CA PRO B 187 -13.73 -4.17 23.16
C PRO B 187 -14.99 -5.06 23.06
N GLU B 188 -16.08 -4.64 23.68
CA GLU B 188 -17.30 -5.46 23.67
C GLU B 188 -17.85 -5.68 22.26
N ALA B 189 -17.44 -4.86 21.30
CA ALA B 189 -17.97 -4.94 19.94
C ALA B 189 -17.17 -5.88 19.04
N PHE B 190 -16.11 -6.47 19.59
CA PHE B 190 -15.18 -7.25 18.77
C PHE B 190 -14.87 -8.62 19.36
N VAL B 191 -15.71 -9.11 20.25
CA VAL B 191 -15.50 -10.40 20.86
C VAL B 191 -15.70 -11.51 19.83
N LEU B 192 -14.74 -12.43 19.75
CA LEU B 192 -14.80 -13.50 18.75
C LEU B 192 -15.76 -14.63 19.08
N SER B 193 -16.45 -15.10 18.05
CA SER B 193 -17.31 -16.27 18.18
C SER B 193 -16.47 -17.52 18.40
N PRO B 194 -16.95 -18.45 19.23
CA PRO B 194 -16.24 -19.72 19.46
C PRO B 194 -16.61 -20.81 18.45
N LEU B 195 -17.33 -20.44 17.40
CA LEU B 195 -17.77 -21.40 16.37
C LEU B 195 -16.65 -22.33 15.93
N GLU B 196 -15.50 -21.78 15.56
CA GLU B 196 -14.43 -22.57 14.96
C GLU B 196 -13.33 -22.93 15.96
N MET B 197 -13.69 -23.00 17.23
CA MET B 197 -12.75 -23.45 18.24
C MET B 197 -12.13 -24.81 17.87
N SER B 198 -12.99 -25.72 17.44
CA SER B 198 -12.58 -27.06 17.03
C SER B 198 -12.68 -27.17 15.52
N SER B 199 -11.69 -27.79 14.89
CA SER B 199 -11.73 -28.01 13.45
C SER B 199 -12.39 -29.35 13.09
N THR B 200 -12.70 -30.17 14.10
CA THR B 200 -13.41 -31.43 13.89
C THR B 200 -14.48 -31.67 14.95
N GLN C 2 4.58 -2.26 -2.40
CA GLN C 2 4.76 -0.84 -2.57
C GLN C 2 3.93 -0.30 -3.73
N GLU C 3 3.39 0.91 -3.54
CA GLU C 3 2.73 1.67 -4.58
C GLU C 3 3.58 2.89 -4.92
N TYR C 4 3.46 3.33 -6.16
CA TYR C 4 4.30 4.37 -6.76
C TYR C 4 3.46 5.45 -7.44
N GLN D 2 1.53 -2.83 3.10
CA GLN D 2 0.23 -3.49 3.22
C GLN D 2 -0.73 -2.70 4.08
N GLU D 3 -1.97 -2.61 3.59
CA GLU D 3 -3.08 -2.09 4.37
C GLU D 3 -3.91 -3.22 4.94
N TYR D 4 -4.50 -2.98 6.09
CA TYR D 4 -5.22 -4.04 6.81
C TYR D 4 -6.67 -3.68 7.10
#